data_7XDJ
#
_entry.id   7XDJ
#
_cell.length_a   132.522
_cell.length_b   132.522
_cell.length_c   49.595
_cell.angle_alpha   90.000
_cell.angle_beta   90.000
_cell.angle_gamma   120.000
#
_symmetry.space_group_name_H-M   'H 3'
#
loop_
_entity.id
_entity.type
_entity.pdbx_description
1 polymer "DNA (5'-D(P*AP*GP*CP*GP*CP*GP*T)-3')"
2 polymer "DNA (5'-D(P*AP*CP*GP*AP*GP*CP*(BRU))-3')"
3 polymer DSN-ALA-N2C-MVA-DSN-ALA-NCY-MVA
4 polymer THR-DVA-PRO-SAR-MVA-PXZ-THR-DVA-PRO-SAR-MVA
5 non-polymer 'CHLORIDE ION'
6 non-polymer 'MAGNESIUM ION'
7 non-polymer 2-CARBOXYQUINOXALINE
8 water water
#
loop_
_entity_poly.entity_id
_entity_poly.type
_entity_poly.pdbx_seq_one_letter_code
_entity_poly.pdbx_strand_id
1 'polydeoxyribonucleotide' (DA)(DG)(DC)(DG)(DC)(DG)(DT) A,E,I,M
2 'polydeoxyribonucleotide' (DA)(DC)(DG)(DA)(DG)(DC)(BRU) B,F,J,N
3 'polypeptide(L)' (DSN)A(N2C)(MVA)(DSN)A(NCY)(MVA) L,P,D,H
4 'polypeptide(L)' T(DVA)P(SAR)(MVA)(PXZ)T(DVA)P(SAR)(MVA) C,G,K,O
#
loop_
_chem_comp.id
_chem_comp.type
_chem_comp.name
_chem_comp.formula
BRU DNA linking 5-BROMO-2'-DEOXYURIDINE-5'-MONOPHOSPHATE 'C9 H12 Br N2 O8 P'
CL non-polymer 'CHLORIDE ION' 'Cl -1'
DA DNA linking 2'-DEOXYADENOSINE-5'-MONOPHOSPHATE 'C10 H14 N5 O6 P'
DC DNA linking 2'-DEOXYCYTIDINE-5'-MONOPHOSPHATE 'C9 H14 N3 O7 P'
DG DNA linking 2'-DEOXYGUANOSINE-5'-MONOPHOSPHATE 'C10 H14 N5 O7 P'
DT DNA linking THYMIDINE-5'-MONOPHOSPHATE 'C10 H15 N2 O8 P'
MG non-polymer 'MAGNESIUM ION' 'Mg 2'
PXZ non-polymer 2-AMINO-1,9-DICARBONYL-4,6-DIMETHYL-10-DEHYDRO-PHENOXAZIN-3-ONE 'C16 H12 N2 O6'
QUI non-polymer 2-CARBOXYQUINOXALINE 'C9 H6 N2 O2'
#
# COMPACT_ATOMS: atom_id res chain seq x y z
N1 BRU B 7 -8.16 -22.40 2.99
C2 BRU B 7 -8.51 -21.92 4.14
N3 BRU B 7 -9.37 -22.51 4.95
C4 BRU B 7 -9.92 -23.67 4.61
C5 BRU B 7 -9.56 -24.24 3.39
C6 BRU B 7 -8.66 -23.59 2.57
O2 BRU B 7 -8.03 -20.86 4.50
O4 BRU B 7 -10.69 -24.19 5.32
BR BRU B 7 -10.37 -25.95 2.84
C1' BRU B 7 -7.17 -21.61 2.21
C2' BRU B 7 -5.91 -22.45 1.79
C3' BRU B 7 -6.13 -22.75 0.22
C4' BRU B 7 -6.93 -21.59 0.01
O3' BRU B 7 -5.05 -22.16 -0.56
O4' BRU B 7 -7.68 -21.12 1.11
C5' BRU B 7 -7.68 -21.90 -1.48
O5' BRU B 7 -8.09 -23.19 -1.94
P BRU B 7 -9.61 -23.47 -2.56
OP1 BRU B 7 -9.62 -22.98 -3.95
OP2 BRU B 7 -10.05 -24.82 -2.48
N1 BRU D 7 4.92 -0.50 3.24
C2 BRU D 7 3.68 -0.15 3.21
N3 BRU D 7 3.30 1.13 3.20
C4 BRU D 7 4.21 2.11 3.24
C5 BRU D 7 5.55 1.75 3.25
C6 BRU D 7 5.90 0.43 3.25
O2 BRU D 7 2.83 -1.02 3.19
O4 BRU D 7 3.89 3.23 3.24
BR BRU D 7 6.95 3.11 3.29
C1' BRU D 7 5.21 -1.96 3.23
C2' BRU D 7 6.11 -2.35 1.99
C3' BRU D 7 7.57 -2.70 2.60
C4' BRU D 7 7.08 -2.94 3.97
O3' BRU D 7 7.88 -4.10 2.33
O4' BRU D 7 5.86 -2.35 4.31
C5' BRU D 7 8.39 -2.98 4.90
O5' BRU D 7 9.46 -2.03 4.86
P BRU D 7 9.95 -1.12 6.15
OP1 BRU D 7 10.84 -1.92 6.95
OP2 BRU D 7 10.61 0.15 5.78
N1 BRU F 7 21.66 10.76 -14.62
C2 BRU F 7 21.22 9.71 -14.03
N3 BRU F 7 20.14 9.07 -14.45
C4 BRU F 7 19.46 9.49 -15.50
C5 BRU F 7 19.91 10.62 -16.17
C6 BRU F 7 21.04 11.26 -15.71
O2 BRU F 7 21.82 9.30 -13.08
O4 BRU F 7 18.51 8.90 -15.81
BR BRU F 7 19.04 11.36 -17.76
C1' BRU F 7 22.90 11.34 -14.04
C2' BRU F 7 24.07 11.43 -15.07
C3' BRU F 7 24.16 12.98 -15.51
C4' BRU F 7 23.51 13.38 -14.28
O3' BRU F 7 25.47 13.50 -15.14
O4' BRU F 7 22.74 12.56 -13.61
C5' BRU F 7 23.22 15.01 -14.50
O5' BRU F 7 22.65 15.60 -15.66
P BRU F 7 21.33 16.62 -15.57
OP1 BRU F 7 21.79 17.94 -15.26
OP2 BRU F 7 20.55 16.56 -16.83
N DSN G 1 0.07 13.29 5.09
CA DSN G 1 0.14 14.50 5.88
C DSN G 1 1.59 14.91 5.80
O DSN G 1 1.88 16.29 5.85
CB DSN G 1 -0.77 15.53 5.20
OG DSN G 1 -1.14 15.01 3.96
N ALA G 2 2.49 13.94 5.69
CA ALA G 2 3.89 14.24 5.44
C ALA G 2 4.00 14.86 4.06
N N2C G 3 4.92 15.80 3.88
CA N2C G 3 5.20 16.30 2.54
CB N2C G 3 4.79 17.76 2.27
SG N2C G 3 3.35 18.27 3.16
CD N2C G 3 3.50 20.02 3.25
CN N2C G 3 5.74 16.35 4.92
C N2C G 3 6.70 16.17 2.32
O N2C G 3 7.46 17.12 2.31
N MVA G 4 7.13 14.93 2.11
CN MVA G 4 6.32 13.73 2.04
CA MVA G 4 8.49 14.72 1.65
CB MVA G 4 9.05 13.34 2.01
CG1 MVA G 4 9.42 13.29 3.48
CG2 MVA G 4 10.29 13.05 1.13
C MVA G 4 8.46 14.91 0.13
O MVA G 4 9.30 15.53 -0.45
N DSN G 5 6.61 12.27 -1.91
CA DSN G 5 6.77 13.46 -2.72
C DSN G 5 5.46 14.25 -2.63
O DSN G 5 5.59 15.64 -2.66
CB DSN G 5 7.94 14.24 -2.13
OG DSN G 5 7.89 14.03 -0.75
N ALA G 6 4.31 13.59 -2.54
CA ALA G 6 3.03 14.26 -2.35
C ALA G 6 2.98 14.97 -1.01
N NCY G 7 2.13 15.99 -0.90
CA NCY G 7 1.99 16.66 0.41
CB NCY G 7 2.59 18.06 0.37
SG NCY G 7 4.34 18.01 0.57
CN NCY G 7 1.42 16.61 -1.98
C NCY G 7 0.55 16.77 0.90
O NCY G 7 -0.05 17.84 1.05
N MVA G 8 -0.04 15.62 1.22
CN MVA G 8 0.67 14.38 1.48
CA MVA G 8 -1.45 15.58 1.60
CB MVA G 8 -2.11 14.23 1.39
CG1 MVA G 8 -2.28 13.90 -0.08
CG2 MVA G 8 -3.50 14.27 2.04
C MVA G 8 -1.55 15.97 3.07
O MVA G 8 -2.35 16.78 3.42
N1 BRU I 7 -0.98 0.40 -0.59
C2 BRU I 7 0.32 0.46 -0.60
N3 BRU I 7 0.97 1.60 -0.54
C4 BRU I 7 0.32 2.74 -0.48
C5 BRU I 7 -1.08 2.73 -0.46
C6 BRU I 7 -1.73 1.51 -0.52
O2 BRU I 7 0.92 -0.57 -0.66
O4 BRU I 7 0.91 3.74 -0.45
BR BRU I 7 -2.15 4.35 -0.34
C1' BRU I 7 -1.59 -0.95 -0.63
C2' BRU I 7 -2.62 -1.20 0.52
C3' BRU I 7 -4.06 -1.21 -0.17
C4' BRU I 7 -3.57 -1.57 -1.61
O3' BRU I 7 -4.59 -2.55 -0.01
O4' BRU I 7 -2.24 -1.16 -1.75
C5' BRU I 7 -4.71 -1.31 -2.47
O5' BRU I 7 -5.79 -0.46 -2.57
P BRU I 7 -5.91 0.69 -3.75
OP1 BRU I 7 -6.73 0.20 -4.82
OP2 BRU I 7 -6.42 1.95 -3.19
N DSN J 1 -23.01 -10.82 1.72
CA DSN J 1 -23.28 -11.86 0.81
C DSN J 1 -24.62 -12.05 0.12
O DSN J 1 -24.58 -12.60 -1.15
CB DSN J 1 -22.09 -11.97 -0.14
OG DSN J 1 -21.89 -10.73 -0.75
N ALA J 2 -25.73 -11.70 0.76
CA ALA J 2 -27.03 -11.72 0.11
C ALA J 2 -27.02 -10.72 -1.03
N N2C J 3 -27.81 -10.97 -2.08
CA N2C J 3 -27.88 -10.03 -3.20
CB N2C J 3 -27.34 -10.59 -4.54
SG N2C J 3 -26.04 -11.78 -4.41
CD N2C J 3 -26.64 -13.15 -5.31
CN N2C J 3 -28.68 -12.11 -2.23
C N2C J 3 -29.34 -9.63 -3.37
O N2C J 3 -30.07 -10.05 -4.29
N MVA J 4 -29.80 -8.78 -2.47
CN MVA J 4 -28.99 -8.01 -1.53
CA MVA J 4 -31.17 -8.31 -2.54
CB MVA J 4 -31.73 -7.92 -1.16
CG1 MVA J 4 -31.99 -9.16 -0.31
CG2 MVA J 4 -33.06 -7.19 -1.37
C MVA J 4 -31.22 -7.12 -3.49
O MVA J 4 -31.85 -7.20 -4.49
N DSN J 5 -29.14 -4.15 -2.47
CA DSN J 5 -28.99 -4.24 -3.93
C DSN J 5 -27.70 -4.64 -4.21
O DSN J 5 -27.69 -5.41 -5.38
CB DSN J 5 -30.10 -4.95 -4.53
OG DSN J 5 -30.26 -6.16 -3.85
N ALA J 6 -26.64 -4.36 -3.47
CA ALA J 6 -25.32 -4.91 -3.78
C ALA J 6 -25.35 -6.41 -3.55
N NCY J 7 -24.54 -7.17 -4.28
CA NCY J 7 -24.49 -8.62 -4.09
CB NCY J 7 -24.97 -9.39 -5.32
SG NCY J 7 -26.70 -9.25 -5.54
CN NCY J 7 -23.64 -6.68 -5.30
C NCY J 7 -23.06 -9.05 -3.79
O NCY J 7 -22.40 -9.76 -4.54
N MVA J 8 -22.59 -8.63 -2.63
CN MVA J 8 -23.35 -8.13 -1.49
CA MVA J 8 -21.19 -8.76 -2.29
CB MVA J 8 -20.63 -7.36 -2.02
CG1 MVA J 8 -19.58 -6.97 -3.06
CG2 MVA J 8 -20.14 -7.13 -0.59
C MVA J 8 -21.00 -9.74 -1.12
O MVA J 8 -19.93 -10.21 -0.87
N THR K 1 -14.06 -16.12 1.39
CA THR K 1 -13.30 -15.54 0.29
C THR K 1 -13.32 -14.02 0.34
N DVA K 2 -12.42 -13.36 -0.40
CA DVA K 2 -12.58 -11.92 -0.54
CB DVA K 2 -12.39 -11.31 -2.00
CG1 DVA K 2 -11.37 -10.17 -2.06
CG2 DVA K 2 -12.15 -12.43 -3.01
C DVA K 2 -12.26 -11.08 0.68
O DVA K 2 -11.29 -11.31 1.39
N PRO K 3 -13.07 -10.04 0.89
CA PRO K 3 -13.90 -10.22 2.05
C PRO K 3 -15.40 -9.90 1.81
N SAR K 4 -16.02 -9.99 0.61
CA SAR K 4 -15.50 -10.54 -0.61
C SAR K 4 -15.95 -11.83 -1.35
O SAR K 4 -15.34 -12.09 -2.32
CN SAR K 4 -16.92 -9.02 0.01
N MVA K 5 -16.97 -12.59 -0.92
CN MVA K 5 -17.73 -12.50 0.32
CA MVA K 5 -17.41 -13.78 -1.66
CB MVA K 5 -17.91 -13.45 -3.08
CG1 MVA K 5 -19.01 -12.38 -3.08
CG2 MVA K 5 -18.41 -14.72 -3.75
C MVA K 5 -16.29 -14.81 -1.79
O MVA K 5 -15.52 -14.80 -2.71
C1 PXZ K 6 -14.48 -17.97 3.11
C0 PXZ K 6 -13.68 -17.36 1.99
O1 PXZ K 6 -12.70 -17.93 1.52
C2 PXZ K 6 -14.99 -19.24 2.95
N2 PXZ K 6 -14.77 -19.91 1.83
C3 PXZ K 6 -15.74 -19.82 3.95
O3 PXZ K 6 -16.20 -20.94 3.79
C4 PXZ K 6 -15.97 -19.13 5.12
O5 PXZ K 6 -15.67 -17.20 6.37
C6 PXZ K 6 -15.51 -15.41 7.80
C7 PXZ K 6 -15.04 -14.13 8.06
C8 PXZ K 6 -14.28 -13.46 7.12
C9 PXZ K 6 -14.00 -14.10 5.92
C0' PXZ K 6 -13.19 -13.39 4.87
O1' PXZ K 6 -13.44 -12.22 4.60
N10 PXZ K 6 -14.21 -15.99 4.45
C11 PXZ K 6 -14.72 -17.26 4.27
C12 PXZ K 6 -15.46 -17.83 5.31
C13 PXZ K 6 -15.23 -16.06 6.59
C14 PXZ K 6 -14.48 -15.38 5.65
C15 PXZ K 6 -16.78 -19.81 6.16
C16 PXZ K 6 -16.32 -16.11 8.84
N THR K 7 -11.94 -14.06 4.77
CA THR K 7 -11.06 -13.31 3.87
C THR K 7 -10.35 -14.21 2.88
N DVA K 8 -9.74 -13.58 1.88
CA DVA K 8 -8.84 -14.27 1.00
CB DVA K 8 -8.02 -13.34 0.14
CG1 DVA K 8 -8.93 -12.42 -0.62
CG2 DVA K 8 -7.11 -12.55 1.05
C DVA K 8 -9.55 -15.35 0.24
O DVA K 8 -10.51 -15.11 -0.47
N PRO K 9 -8.90 -16.50 0.19
CA PRO K 9 -8.99 -17.76 0.88
C PRO K 9 -7.51 -18.09 1.08
N SAR K 10 -6.98 -17.93 2.29
CA SAR K 10 -7.73 -17.50 3.47
C SAR K 10 -7.30 -16.15 4.06
O SAR K 10 -6.84 -15.30 3.37
CN SAR K 10 -5.58 -18.16 2.59
N MVA K 11 -7.48 -16.00 5.37
CN MVA K 11 -8.15 -16.97 6.23
CA MVA K 11 -7.08 -14.81 6.14
CB MVA K 11 -5.57 -14.58 6.16
CG1 MVA K 11 -5.23 -13.52 7.20
CG2 MVA K 11 -4.81 -15.85 6.49
C MVA K 11 -7.73 -13.54 5.59
O MVA K 11 -7.17 -12.85 4.79
N THR L 1 1.96 -0.98 11.51
CA THR L 1 2.36 -2.39 11.49
C THR L 1 1.31 -3.32 12.09
N DVA L 2 1.54 -4.63 11.98
CA DVA L 2 0.80 -5.55 12.84
CB DVA L 2 1.62 -6.73 13.53
CG1 DVA L 2 1.08 -8.11 13.20
CG2 DVA L 2 3.11 -6.59 13.26
C DVA L 2 -0.64 -5.81 12.45
O DVA L 2 -0.95 -5.97 11.28
N PRO L 3 -1.48 -5.96 13.44
CA PRO L 3 -2.39 -4.85 13.55
C PRO L 3 -2.55 -4.34 15.00
N SAR L 4 -1.60 -4.45 15.97
CA SAR L 4 -0.23 -4.87 15.82
C SAR L 4 1.01 -3.96 15.96
O SAR L 4 2.04 -4.48 15.69
CN SAR L 4 -1.80 -4.85 17.34
N MVA L 5 0.92 -2.68 16.33
CN MVA L 5 -0.20 -1.78 16.20
CA MVA L 5 2.09 -1.87 16.64
CB MVA L 5 3.05 -2.54 17.64
CG1 MVA L 5 2.47 -2.50 19.06
CG2 MVA L 5 4.47 -1.96 17.63
C MVA L 5 2.85 -1.58 15.36
O MVA L 5 3.58 -2.41 14.93
C1 PXZ L 6 1.62 0.74 9.99
C0 PXZ L 6 2.06 -0.69 10.12
O1 PXZ L 6 2.83 -1.15 9.28
C2 PXZ L 6 2.56 1.74 9.90
N2 PXZ L 6 3.85 1.44 9.91
C3 PXZ L 6 2.16 3.06 9.80
O3 PXZ L 6 3.02 3.93 9.73
C4 PXZ L 6 0.80 3.37 9.77
O5 PXZ L 6 -1.39 2.64 9.85
C6 PXZ L 6 -3.64 2.14 9.90
C7 PXZ L 6 -4.65 1.16 9.99
C8 PXZ L 6 -4.33 -0.18 10.11
C9 PXZ L 6 -2.97 -0.53 10.11
C0' PXZ L 6 -2.53 -1.95 10.25
O1' PXZ L 6 -3.03 -2.67 11.13
N10 PXZ L 6 -0.66 0.04 10.07
C11 PXZ L 6 0.26 1.05 9.99
C12 PXZ L 6 -0.17 2.37 9.87
C13 PXZ L 6 -2.29 1.78 9.93
C14 PXZ L 6 -1.98 0.43 10.03
C15 PXZ L 6 0.40 4.80 9.65
C16 PXZ L 6 -4.05 3.56 9.79
N THR L 7 -2.03 -2.37 8.98
CA THR L 7 -1.65 -3.77 9.11
C THR L 7 -0.26 -4.08 8.57
N DVA L 8 0.17 -5.30 8.83
CA DVA L 8 1.38 -5.83 8.21
CB DVA L 8 1.51 -7.34 8.31
CG1 DVA L 8 2.02 -7.72 9.65
CG2 DVA L 8 0.16 -7.96 8.04
C DVA L 8 2.57 -5.04 8.70
O DVA L 8 2.77 -4.86 9.88
N PRO L 9 3.49 -4.84 7.78
CA PRO L 9 3.54 -3.69 6.90
C PRO L 9 3.66 -4.42 5.56
N SAR L 10 2.68 -4.32 4.67
CA SAR L 10 1.48 -3.51 4.86
C SAR L 10 0.16 -4.29 4.75
O SAR L 10 0.09 -5.39 5.18
CN SAR L 10 2.75 -5.01 3.40
N MVA L 11 -0.91 -3.64 4.29
CN MVA L 11 -1.00 -2.24 3.93
CA MVA L 11 -2.25 -4.25 4.27
CB MVA L 11 -2.31 -5.47 3.33
CG1 MVA L 11 -3.76 -5.85 3.04
CG2 MVA L 11 -1.57 -5.22 2.02
C MVA L 11 -2.65 -4.67 5.69
O MVA L 11 -2.73 -5.83 5.95
N THR M 1 5.09 -2.87 -6.92
CA THR M 1 4.53 -4.21 -6.89
C THR M 1 3.12 -4.26 -6.36
N DVA M 2 2.37 -5.31 -6.71
CA DVA M 2 1.09 -5.59 -6.04
CB DVA M 2 0.61 -7.05 -6.13
CG1 DVA M 2 -0.26 -7.26 -7.35
CG2 DVA M 2 1.82 -7.99 -6.08
C DVA M 2 0.01 -4.55 -6.22
O DVA M 2 -0.37 -4.19 -7.33
N PRO M 3 -0.59 -4.16 -5.09
CA PRO M 3 -0.41 -2.77 -4.77
C PRO M 3 0.12 -2.54 -3.33
N SAR M 4 0.61 -3.48 -2.50
CA SAR M 4 1.07 -4.80 -2.84
C SAR M 4 2.56 -5.14 -2.91
O SAR M 4 2.80 -6.13 -3.51
CN SAR M 4 0.36 -3.68 -1.10
N MVA M 5 3.52 -4.40 -2.32
CN MVA M 5 3.59 -2.96 -2.09
CA MVA M 5 4.87 -4.91 -2.13
CB MVA M 5 4.86 -6.12 -1.20
CG1 MVA M 5 6.27 -6.63 -0.95
CG2 MVA M 5 4.15 -5.81 0.12
C MVA M 5 5.55 -5.31 -3.44
O MVA M 5 5.35 -6.39 -3.90
C1 PXZ M 6 6.31 -0.71 -7.61
C0 PXZ M 6 5.70 -2.04 -7.92
O1 PXZ M 6 6.28 -2.85 -8.65
C2 PXZ M 6 7.68 -0.63 -7.50
N2 PXZ M 6 8.43 -1.72 -7.69
C3 PXZ M 6 8.28 0.57 -7.19
O3 PXZ M 6 9.49 0.67 -7.09
C4 PXZ M 6 7.51 1.69 -7.01
O5 PXZ M 6 5.44 2.66 -6.94
C6 PXZ M 6 3.52 3.87 -6.81
C7 PXZ M 6 2.12 3.92 -6.90
C8 PXZ M 6 1.40 2.76 -7.18
C9 PXZ M 6 2.11 1.57 -7.40
C0' PXZ M 6 1.45 0.27 -7.71
O1' PXZ M 6 0.79 -0.29 -6.83
N10 PXZ M 6 4.17 0.35 -7.53
C11 PXZ M 6 5.53 0.41 -7.42
C12 PXZ M 6 6.13 1.64 -7.12
C13 PXZ M 6 4.21 2.68 -7.03
C14 PXZ M 6 3.49 1.54 -7.32
C15 PXZ M 6 8.26 2.95 -6.70
C16 PXZ M 6 4.33 5.10 -6.50
N THR M 7 1.67 -0.71 -8.74
CA THR M 7 0.95 -1.94 -9.10
C THR M 7 1.78 -2.87 -9.96
N DVA M 8 1.35 -4.13 -10.08
CA DVA M 8 2.04 -5.07 -10.97
CB DVA M 8 1.36 -6.42 -11.19
CG1 DVA M 8 1.73 -7.37 -10.08
CG2 DVA M 8 -0.14 -6.22 -11.36
C DVA M 8 3.46 -5.20 -10.53
O DVA M 8 3.78 -4.94 -9.42
N PRO M 9 4.29 -5.77 -11.39
CA PRO M 9 5.04 -4.78 -12.14
C PRO M 9 4.60 -5.09 -13.57
N SAR M 10 3.87 -4.21 -14.22
CA SAR M 10 3.49 -2.92 -13.66
C SAR M 10 1.99 -2.60 -13.66
O SAR M 10 1.18 -3.48 -13.64
CN SAR M 10 3.39 -4.35 -15.58
N MVA M 11 1.68 -1.31 -13.70
CN MVA M 11 2.66 -0.24 -13.69
CA MVA M 11 0.31 -0.78 -13.66
CB MVA M 11 -0.48 -1.13 -14.94
CG1 MVA M 11 -1.72 -0.25 -15.11
CG2 MVA M 11 0.38 -0.99 -16.20
C MVA M 11 -0.42 -1.30 -12.41
O MVA M 11 -1.49 -1.81 -12.47
N THR N 1 17.55 13.35 -7.38
CA THR N 1 18.60 14.15 -6.77
C THR N 1 18.58 14.01 -5.25
N DVA N 2 19.73 14.27 -4.59
CA DVA N 2 19.78 14.33 -3.14
CB DVA N 2 21.09 14.84 -2.59
CG1 DVA N 2 22.15 13.79 -2.79
CG2 DVA N 2 21.42 16.19 -3.19
C DVA N 2 19.31 13.07 -2.43
O DVA N 2 19.74 11.97 -2.74
N PRO N 3 18.48 13.26 -1.39
CA PRO N 3 17.27 12.47 -1.41
C PRO N 3 15.93 13.27 -1.22
N SAR N 4 15.84 14.61 -1.27
CA SAR N 4 16.88 15.57 -1.65
C SAR N 4 16.90 16.41 -2.97
O SAR N 4 17.89 17.03 -3.14
CN SAR N 4 14.87 15.37 -0.50
N MVA N 5 15.87 16.43 -3.82
CN MVA N 5 14.75 15.50 -3.98
CA MVA N 5 15.80 17.39 -4.93
CB MVA N 5 15.70 18.84 -4.39
CG1 MVA N 5 14.72 18.96 -3.21
CG2 MVA N 5 15.26 19.85 -5.45
C MVA N 5 16.98 17.28 -5.90
O MVA N 5 17.79 18.16 -6.00
C1 PXZ N 6 16.40 11.88 -9.20
C0 PXZ N 6 17.50 12.74 -8.67
O1 PXZ N 6 18.48 12.94 -9.40
C2 PXZ N 6 15.76 12.23 -10.38
N2 PXZ N 6 16.12 13.32 -11.03
C3 PXZ N 6 14.74 11.45 -10.88
O3 PXZ N 6 14.17 11.78 -11.93
C4 PXZ N 6 14.37 10.29 -10.20
O5 PXZ N 6 14.68 8.89 -8.42
C6 PXZ N 6 14.75 7.32 -6.75
C7 PXZ N 6 15.32 6.86 -5.57
C8 PXZ N 6 16.34 7.60 -4.97
C9 PXZ N 6 16.80 8.76 -5.59
C0' PXZ N 6 17.90 9.54 -4.97
O1' PXZ N 6 17.79 10.00 -3.84
N10 PXZ N 6 16.68 10.38 -7.36
C11 PXZ N 6 16.04 10.74 -8.52
C12 PXZ N 6 15.01 9.93 -9.02
C13 PXZ N 6 15.20 8.49 -7.37
C14 PXZ N 6 16.23 9.21 -6.77
C15 PXZ N 6 13.27 9.45 -10.79
C16 PXZ N 6 13.64 6.49 -7.34
N THR N 7 19.09 9.73 -5.74
CA THR N 7 20.37 10.16 -5.19
C THR N 7 21.17 10.98 -6.19
N DVA N 8 22.15 11.72 -5.69
CA DVA N 8 23.06 12.43 -6.57
CB DVA N 8 24.32 13.00 -5.90
CG1 DVA N 8 24.11 14.44 -5.44
CG2 DVA N 8 24.78 12.07 -4.78
C DVA N 8 22.30 13.38 -7.47
O DVA N 8 21.53 14.21 -7.02
N PRO N 9 22.74 13.39 -8.71
CA PRO N 9 22.29 12.61 -9.86
C PRO N 9 23.63 12.04 -10.35
N SAR N 10 23.83 10.72 -10.40
CA SAR N 10 22.87 9.71 -10.04
C SAR N 10 23.27 9.01 -8.73
O SAR N 10 23.96 9.57 -7.93
CN SAR N 10 25.10 10.09 -10.70
N MVA N 11 22.81 7.78 -8.58
CN MVA N 11 21.85 7.15 -9.46
CA MVA N 11 23.13 6.94 -7.43
CB MVA N 11 24.62 6.60 -7.37
CG1 MVA N 11 24.84 5.50 -6.36
CG2 MVA N 11 25.19 6.20 -8.73
C MVA N 11 22.73 7.59 -6.10
O MVA N 11 23.49 8.30 -5.51
N DSN O 1 -2.48 1.14 20.94
CA DSN O 1 -1.16 1.67 20.66
C DSN O 1 -0.60 2.29 21.93
O DSN O 1 0.74 2.03 22.19
CB DSN O 1 -0.28 0.58 20.07
OG DSN O 1 -0.61 -0.64 20.67
N ALA O 2 -1.37 3.07 22.68
CA ALA O 2 -0.94 3.57 23.98
C ALA O 2 -0.64 2.42 24.92
N N2C O 3 0.28 2.63 25.87
CA N2C O 3 0.58 1.58 26.84
CB N2C O 3 2.04 1.04 26.75
SG N2C O 3 2.69 0.88 25.10
CD N2C O 3 4.32 1.53 25.21
CN N2C O 3 1.05 3.83 26.05
C N2C O 3 0.31 2.16 28.24
O N2C O 3 1.18 2.43 29.07
N MVA O 4 -0.97 2.35 28.51
CN MVA O 4 -2.10 1.78 27.82
CA MVA O 4 -1.35 2.90 29.81
CB MVA O 4 -2.68 3.63 29.77
CG1 MVA O 4 -3.18 3.83 31.20
CG2 MVA O 4 -2.55 5.00 29.06
C MVA O 4 -1.40 1.74 30.80
O MVA O 4 -0.60 1.66 31.68
N DSN O 5 -3.75 -0.67 30.03
CA DSN O 5 -2.86 -1.63 30.65
C DSN O 5 -2.11 -2.36 29.54
O DSN O 5 -0.71 -2.33 29.62
CB DSN O 5 -1.93 -0.80 31.52
OG DSN O 5 -1.69 0.40 30.82
N ALA O 6 -2.79 -2.93 28.56
CA ALA O 6 -2.11 -3.54 27.42
C ALA O 6 -1.31 -2.50 26.66
N NCY O 7 -0.20 -2.89 26.03
CA NCY O 7 0.59 -1.94 25.26
CB NCY O 7 2.00 -1.74 25.81
SG NCY O 7 2.04 -0.65 27.21
CN NCY O 7 0.34 -4.23 26.08
C NCY O 7 0.70 -2.39 23.80
O NCY O 7 1.76 -2.71 23.26
N MVA O 8 -0.43 -2.39 23.12
CN MVA O 8 -1.63 -1.62 23.42
CA MVA O 8 -0.51 -3.00 21.80
CB MVA O 8 -1.45 -4.21 21.88
CG1 MVA O 8 -2.82 -4.03 21.24
CG2 MVA O 8 -0.74 -5.43 21.31
C MVA O 8 -0.97 -1.97 20.75
O MVA O 8 -0.91 -2.21 19.58
N DSN P 1 9.09 4.83 -17.12
CA DSN P 1 7.69 5.23 -17.16
C DSN P 1 7.51 6.16 -18.35
O DSN P 1 6.32 5.98 -19.06
CB DSN P 1 6.86 3.98 -17.34
OG DSN P 1 7.53 3.23 -18.31
N ALA P 2 8.45 7.05 -18.66
CA ALA P 2 8.38 7.89 -19.85
C ALA P 2 8.55 7.04 -21.12
N N2C P 3 8.13 7.55 -22.28
CA N2C P 3 8.42 6.82 -23.53
CB N2C P 3 7.22 6.05 -24.10
SG N2C P 3 6.09 5.49 -22.85
CD N2C P 3 4.62 6.39 -23.20
CN N2C P 3 7.33 8.74 -22.45
C N2C P 3 8.92 7.78 -24.60
O N2C P 3 8.26 8.12 -25.59
N MVA P 4 10.16 8.22 -24.41
CN MVA P 4 11.12 7.62 -23.50
CA MVA P 4 10.74 9.21 -25.31
CB MVA P 4 11.97 9.93 -24.73
CG1 MVA P 4 12.73 10.58 -25.88
CG2 MVA P 4 11.55 11.00 -23.72
C MVA P 4 11.14 8.54 -26.60
O MVA P 4 10.66 8.91 -27.62
N DSN P 5 13.79 6.13 -25.41
CA DSN P 5 13.22 5.48 -26.57
C DSN P 5 12.40 4.32 -26.05
O DSN P 5 11.24 3.98 -26.78
CB DSN P 5 12.36 6.49 -27.33
OG DSN P 5 12.05 7.53 -26.43
N ALA P 6 12.81 3.70 -24.94
CA ALA P 6 12.01 2.67 -24.29
C ALA P 6 10.75 3.30 -23.73
N NCY P 7 9.67 2.51 -23.62
CA NCY P 7 8.47 2.96 -22.94
CB NCY P 7 7.29 3.18 -23.88
SG NCY P 7 7.49 4.54 -25.00
CN NCY P 7 9.53 1.22 -24.23
C NCY P 7 8.04 1.92 -21.90
O NCY P 7 7.10 1.14 -22.06
N MVA P 8 8.76 1.90 -20.78
CN MVA P 8 9.90 2.73 -20.47
CA MVA P 8 8.33 1.06 -19.66
CB MVA P 8 9.47 0.45 -18.85
CG1 MVA P 8 8.84 -0.05 -17.54
CG2 MVA P 8 10.12 -0.71 -19.61
C MVA P 8 7.49 1.92 -18.72
O MVA P 8 6.38 1.62 -18.47
CL CL Q . -9.37 -7.86 5.65
MG MG R . -8.64 -7.17 8.21
CL CL S . -1.75 7.82 -7.30
MG MG T . -3.81 6.92 -4.99
N1 QUI U . 7.40 10.07 -0.61
C2 QUI U . 7.03 9.90 -1.86
C3 QUI U . 6.79 8.59 -2.31
N4 QUI U . 6.94 7.55 -1.51
C5 QUI U . 7.48 6.63 0.67
C6 QUI U . 7.87 6.86 1.99
C7 QUI U . 8.11 8.16 2.44
C8 QUI U . 7.96 9.24 1.59
C9 QUI U . 7.55 9.02 0.24
C10 QUI U . 7.32 7.74 -0.22
C QUI U . 6.88 11.09 -2.80
O1 QUI U . 6.44 10.99 -4.13
N1 QUI V . -1.32 11.10 3.80
C2 QUI V . -0.99 11.01 5.06
C3 QUI V . -1.04 9.77 5.69
N4 QUI V . -1.40 8.68 5.03
C5 QUI V . -2.13 7.61 2.98
C6 QUI V . -2.47 7.72 1.63
C7 QUI V . -2.41 8.96 1.02
C8 QUI V . -2.03 10.11 1.72
C9 QUI V . -1.67 9.98 3.09
C10 QUI V . -1.73 8.77 3.72
C QUI V . -0.58 12.26 5.83
O1 QUI V . -0.48 11.94 7.18
CL CL W . 12.66 14.98 -15.17
MG MG X . 14.82 15.76 -17.45
N1 QUI Y . -30.53 -3.93 -0.29
C2 QUI Y . -29.93 -2.83 -0.73
C3 QUI Y . -29.82 -1.75 0.14
N4 QUI Y . -30.28 -1.81 1.38
C5 QUI Y . -31.40 -3.03 3.14
C6 QUI Y . -32.02 -4.20 3.57
C7 QUI Y . -32.15 -5.29 2.71
C8 QUI Y . -31.65 -5.21 1.42
C9 QUI Y . -31.01 -4.02 0.98
C10 QUI Y . -30.88 -2.95 1.81
C QUI Y . -29.40 -2.76 -2.16
O1 QUI Y . -28.85 -1.61 -2.69
N1 QUI Z . -22.21 -8.68 3.15
C2 QUI Z . -22.69 -9.73 3.81
C3 QUI Z . -22.95 -9.61 5.18
N4 QUI Z . -22.75 -8.46 5.82
C5 QUI Z . -22.03 -6.16 5.82
C6 QUI Z . -21.53 -5.07 5.11
C7 QUI Z . -21.26 -5.17 3.73
C8 QUI Z . -21.49 -6.38 3.07
C9 QUI Z . -21.99 -7.50 3.79
C10 QUI Z . -22.26 -7.40 5.13
C QUI Z . -22.93 -11.04 3.09
O1 QUI Z . -23.38 -11.96 4.04
N1 QUI AA . -4.96 0.04 20.29
C2 QUI AA . -4.76 1.24 19.73
C3 QUI AA . -5.85 1.90 19.14
N4 QUI AA . -7.06 1.36 19.14
C5 QUI AA . -8.56 -0.46 19.68
C6 QUI AA . -8.74 -1.72 20.27
C7 QUI AA . -7.67 -2.38 20.87
C8 QUI AA . -6.40 -1.80 20.88
C9 QUI AA . -6.21 -0.52 20.27
C10 QUI AA . -7.25 0.14 19.70
C QUI AA . -3.35 1.90 19.76
O1 QUI AA . -3.08 3.17 19.18
N1 QUI BA . -5.75 0.96 30.14
C2 QUI BA . -6.11 -0.28 30.44
C3 QUI BA . -7.47 -0.60 30.49
N4 QUI BA . -8.40 0.31 30.25
C5 QUI BA . -9.00 2.58 29.70
C6 QUI BA . -8.60 3.88 29.40
C7 QUI BA . -7.25 4.20 29.35
C8 QUI BA . -6.29 3.24 29.59
C9 QUI BA . -6.70 1.91 29.90
C10 QUI BA . -8.02 1.59 29.96
C QUI BA . -4.98 -1.30 30.78
O1 QUI BA . -5.23 -2.66 30.74
N1 QUI CA . 10.93 3.57 -16.19
C2 QUI CA . 10.63 4.63 -15.47
C3 QUI CA . 11.58 5.13 -14.58
N4 QUI CA . 12.77 4.56 -14.43
C5 QUI CA . 14.35 2.82 -15.06
C6 QUI CA . 14.63 1.69 -15.85
C7 QUI CA . 13.68 1.19 -16.75
C8 QUI CA . 12.45 1.81 -16.87
C9 QUI CA . 12.15 2.97 -16.06
C10 QUI CA . 13.07 3.46 -15.19
C QUI CA . 9.26 5.28 -15.62
O1 QUI CA . 8.95 6.53 -15.01
N1 QUI DA . 15.29 7.79 -24.10
C2 QUI DA . 15.97 6.84 -24.68
C3 QUI DA . 17.31 6.67 -24.32
N4 QUI DA . 17.88 7.44 -23.42
C5 QUI DA . 17.78 9.28 -21.86
C6 QUI DA . 17.01 10.29 -21.27
C7 QUI DA . 15.67 10.46 -21.63
C8 QUI DA . 15.08 9.63 -22.57
C9 QUI DA . 15.86 8.61 -23.16
C10 QUI DA . 17.17 8.43 -22.83
C QUI DA . 15.31 5.93 -25.71
O1 QUI DA . 16.02 5.04 -26.51
#